data_7EE8
#
_entry.id   7EE8
#
_cell.length_a   67.775
_cell.length_b   68.144
_cell.length_c   86.162
_cell.angle_alpha   90.000
_cell.angle_beta   90.000
_cell.angle_gamma   90.000
#
_symmetry.space_group_name_H-M   'P 21 21 21'
#
loop_
_entity.id
_entity.type
_entity.pdbx_description
1 polymer 'Macrophage migration inhibitory factor'
2 non-polymer 'CHLORIDE ION'
3 non-polymer 3-[(2R)-2-azanyl-1-oxidanyl-propyl]phenol
4 non-polymer 3-[(2S)-2-azanyl-1-oxidanyl-propyl]phenol
5 water water
#
_entity_poly.entity_id   1
_entity_poly.type   'polypeptide(L)'
_entity_poly.pdbx_seq_one_letter_code
;PMFIVNTNVPRASVPDGFLSELTQQLAQATGKPPQYIAVHVVPDQLMAFGGSSEPCALCSLHSIGKIGGAQNRSYSKLLC
GLLAERLRISPDRVYINYYDMNAANVGWNNSTFA
;
_entity_poly.pdbx_strand_id   A,B,C
#
loop_
_chem_comp.id
_chem_comp.type
_chem_comp.name
_chem_comp.formula
7Y8 non-polymer 3-[(2R)-2-azanyl-1-oxidanyl-propyl]phenol 'C9 H13 N O2'
CL non-polymer 'CHLORIDE ION' 'Cl -1'
J23 non-polymer 3-[(2S)-2-azanyl-1-oxidanyl-propyl]phenol 'C9 H13 N O2'
#
# COMPACT_ATOMS: atom_id res chain seq x y z
N PRO A 1 11.32 8.91 -6.33
CA PRO A 1 9.88 8.80 -6.09
C PRO A 1 9.39 7.41 -6.43
N MET A 2 8.17 7.11 -5.99
CA MET A 2 7.55 5.81 -6.22
C MET A 2 6.12 6.02 -6.69
N PHE A 3 5.73 5.34 -7.77
CA PHE A 3 4.35 5.40 -8.26
C PHE A 3 3.80 3.98 -8.34
N ILE A 4 2.63 3.79 -7.73
CA ILE A 4 1.97 2.48 -7.70
C ILE A 4 0.57 2.63 -8.28
N VAL A 5 0.17 1.72 -9.16
N VAL A 5 0.20 1.72 -9.16
CA VAL A 5 -1.19 1.72 -9.67
CA VAL A 5 -1.15 1.64 -9.73
C VAL A 5 -1.78 0.33 -9.49
C VAL A 5 -1.70 0.28 -9.37
N ASN A 6 -2.85 0.25 -8.71
CA ASN A 6 -3.61 -0.99 -8.54
C ASN A 6 -4.87 -0.91 -9.39
N THR A 7 -5.13 -1.94 -10.20
CA THR A 7 -6.23 -1.84 -11.15
C THR A 7 -6.84 -3.22 -11.36
N ASN A 8 -8.12 -3.21 -11.71
CA ASN A 8 -8.81 -4.42 -12.11
C ASN A 8 -8.64 -4.77 -13.58
N VAL A 9 -8.01 -3.90 -14.37
CA VAL A 9 -7.72 -4.22 -15.77
C VAL A 9 -6.82 -5.44 -15.82
N PRO A 10 -7.05 -6.40 -16.70
CA PRO A 10 -6.22 -7.60 -16.71
C PRO A 10 -4.82 -7.35 -17.26
N ARG A 11 -3.88 -8.23 -16.88
CA ARG A 11 -2.48 -8.09 -17.25
C ARG A 11 -2.31 -7.99 -18.77
N ALA A 12 -3.08 -8.77 -19.52
CA ALA A 12 -2.96 -8.79 -20.97
C ALA A 12 -3.29 -7.44 -21.60
N SER A 13 -3.99 -6.58 -20.86
CA SER A 13 -4.37 -5.27 -21.35
C SER A 13 -3.41 -4.17 -20.89
N VAL A 14 -2.35 -4.52 -20.18
CA VAL A 14 -1.29 -3.58 -19.84
C VAL A 14 -0.28 -3.60 -20.99
N PRO A 15 -0.13 -2.51 -21.75
CA PRO A 15 0.67 -2.56 -22.98
C PRO A 15 2.16 -2.65 -22.70
N ASP A 16 2.90 -3.15 -23.69
CA ASP A 16 4.36 -3.20 -23.59
C ASP A 16 4.91 -1.82 -23.32
N GLY A 17 5.95 -1.76 -22.50
CA GLY A 17 6.61 -0.49 -22.23
C GLY A 17 5.90 0.43 -21.26
N PHE A 18 4.80 -0.02 -20.65
CA PHE A 18 4.03 0.87 -19.77
C PHE A 18 4.84 1.33 -18.56
N LEU A 19 5.64 0.43 -17.98
CA LEU A 19 6.47 0.83 -16.85
C LEU A 19 7.49 1.88 -17.27
N SER A 20 8.11 1.70 -18.45
CA SER A 20 9.06 2.69 -18.94
C SER A 20 8.38 4.03 -19.21
N GLU A 21 7.19 3.97 -19.81
CA GLU A 21 6.46 5.18 -20.11
C GLU A 21 6.16 5.95 -18.83
N LEU A 22 5.67 5.24 -17.80
CA LEU A 22 5.44 5.91 -16.52
C LEU A 22 6.73 6.50 -15.96
N THR A 23 7.83 5.76 -16.04
CA THR A 23 9.11 6.22 -15.49
C THR A 23 9.54 7.50 -16.18
N GLN A 24 9.47 7.51 -17.51
CA GLN A 24 9.90 8.68 -18.25
C GLN A 24 9.01 9.88 -17.94
N GLN A 25 7.68 9.67 -17.97
CA GLN A 25 6.78 10.80 -17.75
C GLN A 25 6.90 11.35 -16.34
N LEU A 26 7.10 10.47 -15.35
CA LEU A 26 7.25 10.91 -13.97
C LEU A 26 8.58 11.62 -13.74
N ALA A 27 9.64 11.16 -14.41
CA ALA A 27 10.91 11.86 -14.27
C ALA A 27 10.76 13.31 -14.71
N GLN A 28 10.07 13.53 -15.81
CA GLN A 28 9.89 14.89 -16.32
C GLN A 28 8.97 15.68 -15.42
N ALA A 29 7.88 15.05 -14.94
CA ALA A 29 6.90 15.79 -14.13
C ALA A 29 7.47 16.17 -12.78
N THR A 30 8.17 15.25 -12.12
CA THR A 30 8.71 15.55 -10.80
C THR A 30 10.02 16.30 -10.86
N GLY A 31 10.67 16.33 -12.03
CA GLY A 31 11.99 16.90 -12.08
C GLY A 31 13.09 16.03 -11.53
N LYS A 32 12.77 14.82 -11.05
CA LYS A 32 13.76 13.94 -10.47
C LYS A 32 14.44 13.11 -11.57
N PRO A 33 15.68 12.67 -11.35
CA PRO A 33 16.34 11.82 -12.35
C PRO A 33 15.59 10.50 -12.48
N PRO A 34 15.45 9.97 -13.70
CA PRO A 34 14.74 8.68 -13.86
C PRO A 34 15.34 7.55 -13.06
N GLN A 35 16.65 7.59 -12.80
CA GLN A 35 17.29 6.59 -11.96
C GLN A 35 16.65 6.49 -10.58
N TYR A 36 15.99 7.53 -10.10
CA TYR A 36 15.38 7.55 -8.79
C TYR A 36 13.88 7.24 -8.80
N ILE A 37 13.29 7.00 -9.97
CA ILE A 37 11.86 6.76 -10.09
C ILE A 37 11.62 5.26 -10.08
N ALA A 38 10.74 4.80 -9.18
CA ALA A 38 10.29 3.42 -9.15
C ALA A 38 8.81 3.36 -9.47
N VAL A 39 8.41 2.36 -10.25
CA VAL A 39 7.03 2.20 -10.68
C VAL A 39 6.57 0.77 -10.46
N HIS A 40 5.29 0.61 -10.12
CA HIS A 40 4.75 -0.69 -9.76
C HIS A 40 3.30 -0.73 -10.24
N VAL A 41 2.98 -1.69 -11.12
CA VAL A 41 1.64 -1.82 -11.69
C VAL A 41 1.09 -3.16 -11.27
N VAL A 42 -0.12 -3.16 -10.73
CA VAL A 42 -0.72 -4.36 -10.16
C VAL A 42 -2.05 -4.59 -10.86
N PRO A 43 -2.08 -5.44 -11.89
CA PRO A 43 -3.33 -5.67 -12.62
C PRO A 43 -4.15 -6.78 -11.98
N ASP A 44 -5.31 -7.04 -12.57
CA ASP A 44 -6.14 -8.20 -12.22
C ASP A 44 -6.69 -8.13 -10.79
N GLN A 45 -6.85 -6.95 -10.23
CA GLN A 45 -7.27 -6.82 -8.84
C GLN A 45 -8.80 -6.89 -8.70
N LEU A 46 -9.23 -7.33 -7.51
CA LEU A 46 -10.63 -7.38 -7.09
C LEU A 46 -10.96 -6.04 -6.45
N MET A 47 -11.61 -5.16 -7.23
CA MET A 47 -11.80 -3.77 -6.82
C MET A 47 -13.16 -3.29 -7.28
N ALA A 48 -13.70 -2.31 -6.57
CA ALA A 48 -14.87 -1.58 -7.01
C ALA A 48 -14.63 -0.11 -6.76
N PHE A 49 -15.22 0.72 -7.59
CA PHE A 49 -15.15 2.17 -7.45
C PHE A 49 -16.57 2.69 -7.57
N GLY A 50 -17.04 3.37 -6.53
CA GLY A 50 -18.40 3.87 -6.53
C GLY A 50 -19.45 2.78 -6.64
N GLY A 51 -19.13 1.58 -6.15
CA GLY A 51 -20.03 0.45 -6.18
C GLY A 51 -19.99 -0.44 -7.41
N SER A 52 -19.22 -0.10 -8.44
CA SER A 52 -19.20 -0.91 -9.65
C SER A 52 -17.78 -1.30 -9.99
N SER A 53 -17.66 -2.30 -10.85
CA SER A 53 -16.36 -2.88 -11.17
C SER A 53 -15.98 -2.71 -12.64
N GLU A 54 -16.48 -1.66 -13.29
CA GLU A 54 -15.85 -1.26 -14.53
C GLU A 54 -14.40 -0.87 -14.26
N PRO A 55 -13.57 -0.79 -15.28
CA PRO A 55 -12.15 -0.50 -15.03
C PRO A 55 -11.95 0.72 -14.15
N CYS A 56 -11.04 0.58 -13.20
CA CYS A 56 -10.74 1.65 -12.25
C CYS A 56 -9.30 1.49 -11.77
N ALA A 57 -8.78 2.51 -11.08
CA ALA A 57 -7.43 2.41 -10.54
C ALA A 57 -7.34 3.17 -9.23
N LEU A 58 -6.58 2.61 -8.30
CA LEU A 58 -6.21 3.27 -7.05
C LEU A 58 -4.69 3.35 -7.04
N CYS A 59 -4.17 4.56 -6.91
CA CYS A 59 -2.76 4.80 -7.14
C CYS A 59 -2.16 5.62 -6.02
N SER A 60 -0.84 5.63 -5.97
CA SER A 60 -0.17 6.55 -5.06
C SER A 60 1.13 7.03 -5.66
N LEU A 61 1.49 8.28 -5.33
CA LEU A 61 2.77 8.87 -5.68
C LEU A 61 3.42 9.36 -4.39
N HIS A 62 4.59 8.80 -4.08
CA HIS A 62 5.40 9.23 -2.95
C HIS A 62 6.64 9.91 -3.51
N SER A 63 6.97 11.09 -2.98
CA SER A 63 8.16 11.80 -3.43
C SER A 63 8.72 12.63 -2.28
N ILE A 64 10.04 12.75 -2.24
CA ILE A 64 10.68 13.66 -1.30
C ILE A 64 10.61 15.06 -1.91
N GLY A 65 9.63 15.86 -1.46
CA GLY A 65 9.37 17.12 -2.10
C GLY A 65 8.67 16.93 -3.46
N LYS A 66 8.51 18.05 -4.15
CA LYS A 66 7.80 18.08 -5.44
C LYS A 66 6.35 17.66 -5.33
N ILE A 67 5.74 17.91 -4.17
CA ILE A 67 4.34 17.62 -3.90
C ILE A 67 3.69 18.90 -3.39
N GLY A 68 2.52 19.21 -3.91
CA GLY A 68 1.83 20.40 -3.46
C GLY A 68 0.59 20.62 -4.28
N GLY A 69 -0.13 21.69 -3.93
CA GLY A 69 -1.42 21.97 -4.54
C GLY A 69 -1.40 21.95 -6.04
N ALA A 70 -0.59 22.84 -6.62
CA ALA A 70 -0.55 22.97 -8.07
C ALA A 70 0.16 21.78 -8.71
N GLN A 71 1.25 21.32 -8.10
CA GLN A 71 1.95 20.18 -8.68
C GLN A 71 1.06 18.96 -8.73
N ASN A 72 0.26 18.74 -7.68
CA ASN A 72 -0.57 17.54 -7.65
C ASN A 72 -1.68 17.60 -8.68
N ARG A 73 -2.23 18.78 -8.92
CA ARG A 73 -3.18 18.94 -10.01
C ARG A 73 -2.53 18.56 -11.35
N SER A 74 -1.28 18.99 -11.56
CA SER A 74 -0.60 18.67 -12.80
C SER A 74 -0.31 17.18 -12.89
N TYR A 75 0.15 16.57 -11.81
CA TYR A 75 0.39 15.13 -11.84
C TYR A 75 -0.90 14.39 -12.15
N SER A 76 -2.03 14.83 -11.59
CA SER A 76 -3.26 14.10 -11.80
C SER A 76 -3.69 14.13 -13.26
N LYS A 77 -3.53 15.30 -13.92
CA LYS A 77 -3.85 15.38 -15.33
C LYS A 77 -2.95 14.45 -16.15
N LEU A 78 -1.66 14.44 -15.84
CA LEU A 78 -0.72 13.60 -16.58
C LEU A 78 -1.05 12.13 -16.38
N LEU A 79 -1.25 11.75 -15.12
CA LEU A 79 -1.40 10.34 -14.80
C LEU A 79 -2.77 9.82 -15.20
N CYS A 80 -3.85 10.58 -14.98
CA CYS A 80 -5.13 10.16 -15.51
C CYS A 80 -5.10 10.07 -17.02
N GLY A 81 -4.42 11.00 -17.69
CA GLY A 81 -4.32 10.91 -19.14
C GLY A 81 -3.66 9.62 -19.57
N LEU A 82 -2.58 9.22 -18.89
CA LEU A 82 -1.88 7.99 -19.22
C LEU A 82 -2.74 6.77 -18.94
N LEU A 83 -3.44 6.74 -17.80
CA LEU A 83 -4.31 5.61 -17.49
C LEU A 83 -5.46 5.51 -18.48
N ALA A 84 -5.97 6.64 -18.95
CA ALA A 84 -7.04 6.62 -19.95
C ALA A 84 -6.53 6.13 -21.29
N GLU A 85 -5.41 6.70 -21.74
CA GLU A 85 -4.95 6.39 -23.10
C GLU A 85 -4.39 4.98 -23.15
N ARG A 86 -3.68 4.55 -22.11
CA ARG A 86 -2.96 3.29 -22.16
C ARG A 86 -3.73 2.12 -21.57
N LEU A 87 -4.51 2.34 -20.50
CA LEU A 87 -5.27 1.25 -19.87
C LEU A 87 -6.76 1.36 -20.11
N ARG A 88 -7.23 2.44 -20.75
CA ARG A 88 -8.64 2.62 -21.07
C ARG A 88 -9.49 2.78 -19.80
N ILE A 89 -8.90 3.41 -18.78
CA ILE A 89 -9.58 3.67 -17.52
C ILE A 89 -10.06 5.11 -17.52
N SER A 90 -11.35 5.30 -17.25
N SER A 90 -11.35 5.31 -17.26
CA SER A 90 -11.91 6.63 -17.19
CA SER A 90 -11.91 6.65 -17.22
C SER A 90 -11.27 7.44 -16.05
C SER A 90 -11.29 7.44 -16.06
N PRO A 91 -10.89 8.69 -16.29
CA PRO A 91 -10.32 9.52 -15.20
C PRO A 91 -11.18 9.64 -13.97
N ASP A 92 -12.51 9.56 -14.11
CA ASP A 92 -13.39 9.67 -12.95
C ASP A 92 -13.49 8.37 -12.15
N ARG A 93 -12.71 7.35 -12.54
CA ARG A 93 -12.61 6.12 -11.79
C ARG A 93 -11.17 5.87 -11.35
N VAL A 94 -10.41 6.95 -11.15
CA VAL A 94 -9.03 6.88 -10.67
C VAL A 94 -8.94 7.73 -9.42
N TYR A 95 -8.32 7.18 -8.36
CA TYR A 95 -7.83 7.98 -7.24
C TYR A 95 -6.30 7.88 -7.20
N ILE A 96 -5.64 9.01 -6.90
CA ILE A 96 -4.21 9.05 -6.69
C ILE A 96 -3.94 9.76 -5.36
N ASN A 97 -3.40 9.04 -4.38
CA ASN A 97 -2.98 9.68 -3.14
C ASN A 97 -1.54 10.15 -3.25
N TYR A 98 -1.30 11.40 -2.86
CA TYR A 98 0.03 12.00 -2.94
C TYR A 98 0.65 12.08 -1.56
N TYR A 99 1.94 11.75 -1.46
CA TYR A 99 2.66 11.76 -0.19
C TYR A 99 3.97 12.50 -0.38
N ASP A 100 4.13 13.58 0.39
CA ASP A 100 5.39 14.32 0.47
C ASP A 100 6.20 13.71 1.60
N MET A 101 7.20 12.93 1.27
CA MET A 101 7.96 12.20 2.27
C MET A 101 9.14 13.02 2.77
N ASN A 102 9.39 12.95 4.08
CA ASN A 102 10.65 13.47 4.62
C ASN A 102 11.79 12.54 4.21
N ALA A 103 12.96 13.11 3.86
CA ALA A 103 14.10 12.29 3.44
C ALA A 103 14.47 11.28 4.52
N ALA A 104 14.31 11.63 5.81
CA ALA A 104 14.63 10.71 6.89
C ALA A 104 13.71 9.50 6.93
N ASN A 105 12.57 9.56 6.25
CA ASN A 105 11.60 8.47 6.24
C ASN A 105 11.63 7.68 4.94
N VAL A 106 12.68 7.83 4.13
CA VAL A 106 12.83 7.03 2.90
C VAL A 106 14.16 6.30 2.97
N GLY A 107 14.09 4.98 3.12
CA GLY A 107 15.27 4.15 3.09
C GLY A 107 15.65 3.71 1.68
N TRP A 108 16.96 3.57 1.48
CA TRP A 108 17.53 3.19 0.21
C TRP A 108 18.99 2.84 0.45
N ASN A 109 19.46 1.74 -0.12
CA ASN A 109 20.89 1.46 -0.16
C ASN A 109 21.51 1.45 1.24
N ASN A 110 20.87 0.74 2.16
CA ASN A 110 21.36 0.51 3.52
C ASN A 110 21.29 1.72 4.44
N SER A 111 20.66 2.80 4.02
CA SER A 111 20.56 4.02 4.83
C SER A 111 19.25 4.73 4.46
N THR A 112 19.19 6.02 4.74
CA THR A 112 18.09 6.84 4.28
C THR A 112 18.65 8.03 3.52
N PHE A 113 17.74 8.81 2.93
CA PHE A 113 18.15 9.98 2.19
C PHE A 113 18.45 11.18 3.07
N ALA A 114 18.17 11.12 4.38
CA ALA A 114 18.41 12.28 5.22
C ALA A 114 19.88 12.70 5.23
N PRO B 1 -13.52 8.03 -0.28
CA PRO B 1 -12.60 7.25 0.55
C PRO B 1 -12.15 5.99 -0.16
N MET B 2 -11.10 5.39 0.38
CA MET B 2 -10.63 4.13 -0.18
C MET B 2 -10.32 3.17 0.95
N PHE B 3 -10.79 1.94 0.79
CA PHE B 3 -10.55 0.89 1.78
C PHE B 3 -9.89 -0.29 1.11
N ILE B 4 -8.77 -0.75 1.67
CA ILE B 4 -8.02 -1.86 1.12
C ILE B 4 -7.90 -2.90 2.21
N VAL B 5 -8.15 -4.16 1.86
CA VAL B 5 -7.87 -5.27 2.77
C VAL B 5 -6.96 -6.28 2.08
N ASN B 6 -5.83 -6.57 2.70
CA ASN B 6 -4.91 -7.60 2.25
C ASN B 6 -5.00 -8.74 3.23
N THR B 7 -5.15 -9.97 2.72
CA THR B 7 -5.36 -11.10 3.62
C THR B 7 -4.77 -12.37 3.01
N ASN B 8 -4.43 -13.33 3.90
CA ASN B 8 -4.00 -14.66 3.47
C ASN B 8 -5.18 -15.61 3.21
N VAL B 9 -6.39 -15.20 3.53
CA VAL B 9 -7.58 -16.03 3.26
C VAL B 9 -7.72 -16.27 1.76
N PRO B 10 -8.08 -17.46 1.31
CA PRO B 10 -8.16 -17.71 -0.14
C PRO B 10 -9.33 -16.99 -0.79
N ARG B 11 -9.14 -16.75 -2.09
CA ARG B 11 -10.13 -16.02 -2.88
C ARG B 11 -11.50 -16.67 -2.81
N ALA B 12 -11.55 -18.00 -2.81
CA ALA B 12 -12.84 -18.69 -2.78
C ALA B 12 -13.64 -18.39 -1.51
N SER B 13 -12.96 -17.98 -0.44
CA SER B 13 -13.61 -17.69 0.84
C SER B 13 -14.13 -16.25 0.94
N VAL B 14 -13.86 -15.42 -0.05
CA VAL B 14 -14.43 -14.06 -0.08
C VAL B 14 -15.83 -14.19 -0.65
N PRO B 15 -16.88 -13.89 0.11
CA PRO B 15 -18.23 -14.17 -0.40
C PRO B 15 -18.60 -13.22 -1.53
N ASP B 16 -19.52 -13.69 -2.38
CA ASP B 16 -20.07 -12.83 -3.42
C ASP B 16 -20.73 -11.65 -2.76
N GLY B 17 -20.58 -10.48 -3.39
CA GLY B 17 -21.16 -9.28 -2.86
C GLY B 17 -20.34 -8.62 -1.77
N PHE B 18 -19.15 -9.13 -1.46
CA PHE B 18 -18.36 -8.55 -0.38
C PHE B 18 -17.94 -7.13 -0.69
N LEU B 19 -17.53 -6.85 -1.94
CA LEU B 19 -17.16 -5.48 -2.28
C LEU B 19 -18.34 -4.55 -2.10
N SER B 20 -19.54 -5.01 -2.46
CA SER B 20 -20.72 -4.18 -2.32
C SER B 20 -21.06 -3.94 -0.86
N GLU B 21 -20.92 -4.95 -0.01
CA GLU B 21 -21.19 -4.74 1.41
C GLU B 21 -20.20 -3.73 1.99
N LEU B 22 -18.91 -3.86 1.67
CA LEU B 22 -17.93 -2.88 2.13
C LEU B 22 -18.29 -1.49 1.64
N THR B 23 -18.70 -1.36 0.37
CA THR B 23 -19.02 -0.05 -0.17
C THR B 23 -20.15 0.59 0.61
N GLN B 24 -21.24 -0.14 0.80
CA GLN B 24 -22.40 0.41 1.47
C GLN B 24 -22.14 0.68 2.94
N GLN B 25 -21.49 -0.26 3.63
CA GLN B 25 -21.22 -0.07 5.05
C GLN B 25 -20.28 1.11 5.28
N LEU B 26 -19.29 1.28 4.39
CA LEU B 26 -18.38 2.41 4.56
C LEU B 26 -19.06 3.73 4.22
N ALA B 27 -19.94 3.74 3.20
CA ALA B 27 -20.68 4.95 2.87
C ALA B 27 -21.49 5.38 4.09
N GLN B 28 -22.14 4.43 4.76
CA GLN B 28 -22.95 4.79 5.94
C GLN B 28 -22.06 5.26 7.09
N ALA B 29 -20.95 4.57 7.31
CA ALA B 29 -20.09 4.87 8.46
C ALA B 29 -19.38 6.21 8.29
N THR B 30 -18.86 6.49 7.08
CA THR B 30 -18.14 7.73 6.85
C THR B 30 -19.07 8.88 6.51
N GLY B 31 -20.33 8.61 6.17
CA GLY B 31 -21.21 9.63 5.69
C GLY B 31 -20.96 10.06 4.26
N LYS B 32 -19.98 9.51 3.59
CA LYS B 32 -19.66 9.92 2.22
C LYS B 32 -20.58 9.18 1.23
N PRO B 33 -20.82 9.75 0.05
CA PRO B 33 -21.67 9.08 -0.95
C PRO B 33 -21.02 7.80 -1.44
N PRO B 34 -21.80 6.74 -1.67
CA PRO B 34 -21.19 5.50 -2.18
C PRO B 34 -20.43 5.69 -3.47
N GLN B 35 -20.85 6.67 -4.30
CA GLN B 35 -20.13 6.97 -5.54
C GLN B 35 -18.67 7.33 -5.31
N TYR B 36 -18.31 7.78 -4.12
CA TYR B 36 -16.95 8.20 -3.82
C TYR B 36 -16.16 7.14 -3.05
N ILE B 37 -16.74 5.97 -2.82
N ILE B 37 -16.76 5.99 -2.77
CA ILE B 37 -16.09 4.93 -2.02
CA ILE B 37 -16.09 4.93 -2.02
C ILE B 37 -15.47 3.91 -2.96
C ILE B 37 -15.45 3.95 -3.01
N ALA B 38 -14.16 3.69 -2.84
CA ALA B 38 -13.47 2.65 -3.59
C ALA B 38 -13.01 1.56 -2.62
N VAL B 39 -13.13 0.31 -3.03
CA VAL B 39 -12.80 -0.83 -2.18
C VAL B 39 -11.93 -1.80 -2.97
N HIS B 40 -11.01 -2.45 -2.26
CA HIS B 40 -10.00 -3.29 -2.91
C HIS B 40 -9.68 -4.43 -1.96
N VAL B 41 -9.91 -5.66 -2.40
CA VAL B 41 -9.71 -6.85 -1.56
C VAL B 41 -8.66 -7.71 -2.24
N VAL B 42 -7.64 -8.09 -1.47
CA VAL B 42 -6.49 -8.81 -2.01
C VAL B 42 -6.32 -10.10 -1.22
N PRO B 43 -6.88 -11.21 -1.71
CA PRO B 43 -6.76 -12.49 -0.99
C PRO B 43 -5.48 -13.26 -1.33
N ASP B 44 -5.29 -14.43 -0.70
CA ASP B 44 -4.21 -15.35 -1.05
C ASP B 44 -2.82 -14.77 -0.82
N GLN B 45 -2.68 -13.83 0.10
CA GLN B 45 -1.41 -13.17 0.32
C GLN B 45 -0.52 -14.00 1.24
N LEU B 46 0.79 -13.82 1.05
CA LEU B 46 1.82 -14.42 1.89
C LEU B 46 2.08 -13.45 3.04
N MET B 47 1.48 -13.74 4.19
CA MET B 47 1.46 -12.83 5.32
C MET B 47 1.53 -13.61 6.62
N ALA B 48 2.04 -12.95 7.65
CA ALA B 48 2.01 -13.45 9.02
C ALA B 48 1.68 -12.30 9.96
N PHE B 49 1.05 -12.66 11.08
CA PHE B 49 0.71 -11.72 12.14
C PHE B 49 1.19 -12.38 13.43
N GLY B 50 2.07 -11.68 14.16
CA GLY B 50 2.65 -12.27 15.36
C GLY B 50 3.45 -13.52 15.09
N GLY B 51 4.00 -13.64 13.88
CA GLY B 51 4.77 -14.80 13.52
C GLY B 51 3.96 -15.97 13.03
N SER B 52 2.64 -15.86 13.04
CA SER B 52 1.73 -16.95 12.72
C SER B 52 1.01 -16.68 11.40
N SER B 53 0.83 -17.75 10.62
N SER B 53 0.83 -17.75 10.61
CA SER B 53 0.18 -17.70 9.32
CA SER B 53 0.16 -17.63 9.32
C SER B 53 -1.29 -18.07 9.36
C SER B 53 -1.30 -18.07 9.37
N GLU B 54 -1.88 -18.13 10.57
CA GLU B 54 -3.33 -18.26 10.68
C GLU B 54 -4.00 -17.05 10.02
N PRO B 55 -5.29 -17.14 9.70
CA PRO B 55 -5.93 -16.02 8.98
C PRO B 55 -5.72 -14.67 9.66
N CYS B 56 -5.38 -13.66 8.85
CA CYS B 56 -5.11 -12.32 9.33
C CYS B 56 -5.40 -11.33 8.20
N ALA B 57 -5.42 -10.05 8.54
CA ALA B 57 -5.67 -9.02 7.53
C ALA B 57 -4.91 -7.75 7.90
N LEU B 58 -4.36 -7.11 6.87
CA LEU B 58 -3.78 -5.78 6.98
C LEU B 58 -4.60 -4.88 6.08
N CYS B 59 -5.13 -3.80 6.64
CA CYS B 59 -6.09 -2.95 5.97
C CYS B 59 -5.72 -1.48 6.12
N SER B 60 -6.31 -0.67 5.25
CA SER B 60 -6.16 0.78 5.38
C SER B 60 -7.44 1.46 4.94
N LEU B 61 -7.76 2.58 5.60
CA LEU B 61 -8.86 3.45 5.20
C LEU B 61 -8.31 4.84 5.04
N HIS B 62 -8.42 5.38 3.82
CA HIS B 62 -8.04 6.75 3.52
C HIS B 62 -9.32 7.53 3.29
N SER B 63 -9.45 8.69 3.91
CA SER B 63 -10.62 9.54 3.71
C SER B 63 -10.22 11.00 3.88
N ILE B 64 -10.86 11.87 3.09
CA ILE B 64 -10.70 13.31 3.26
C ILE B 64 -11.65 13.71 4.39
N GLY B 65 -11.12 13.81 5.62
CA GLY B 65 -11.94 13.99 6.78
C GLY B 65 -12.63 12.70 7.22
N LYS B 66 -13.48 12.86 8.23
CA LYS B 66 -14.21 11.74 8.84
C LYS B 66 -13.27 10.71 9.46
N ILE B 67 -12.10 11.18 9.92
CA ILE B 67 -11.08 10.35 10.58
C ILE B 67 -10.74 11.00 11.91
N GLY B 68 -10.70 10.20 12.97
CA GLY B 68 -10.39 10.75 14.28
C GLY B 68 -10.51 9.68 15.34
N GLY B 69 -10.25 10.09 16.58
CA GLY B 69 -10.22 9.16 17.70
C GLY B 69 -11.45 8.28 17.83
N ALA B 70 -12.61 8.92 18.04
CA ALA B 70 -13.84 8.17 18.22
C ALA B 70 -14.30 7.51 16.92
N GLN B 71 -14.18 8.22 15.79
CA GLN B 71 -14.61 7.65 14.53
C GLN B 71 -13.81 6.39 14.18
N ASN B 72 -12.50 6.42 14.40
CA ASN B 72 -11.67 5.26 14.07
C ASN B 72 -11.98 4.09 14.98
N ARG B 73 -12.31 4.33 16.25
CA ARG B 73 -12.75 3.23 17.10
C ARG B 73 -14.02 2.59 16.54
N SER B 74 -14.95 3.42 16.06
CA SER B 74 -16.19 2.91 15.50
C SER B 74 -15.94 2.15 14.19
N TYR B 75 -15.07 2.70 13.32
CA TYR B 75 -14.71 2.01 12.08
C TYR B 75 -14.08 0.66 12.36
N SER B 76 -13.23 0.59 13.40
CA SER B 76 -12.55 -0.66 13.71
C SER B 76 -13.53 -1.73 14.16
N LYS B 77 -14.52 -1.34 14.98
CA LYS B 77 -15.53 -2.31 15.38
C LYS B 77 -16.32 -2.79 14.17
N LEU B 78 -16.70 -1.87 13.28
CA LEU B 78 -17.46 -2.24 12.10
C LEU B 78 -16.65 -3.15 11.18
N LEU B 79 -15.41 -2.76 10.90
CA LEU B 79 -14.62 -3.49 9.91
C LEU B 79 -14.11 -4.81 10.47
N CYS B 80 -13.68 -4.84 11.72
CA CYS B 80 -13.29 -6.12 12.32
C CYS B 80 -14.48 -7.07 12.37
N GLY B 81 -15.67 -6.57 12.70
CA GLY B 81 -16.85 -7.43 12.66
C GLY B 81 -17.11 -8.01 11.30
N LEU B 82 -16.98 -7.19 10.25
CA LEU B 82 -17.22 -7.68 8.89
C LEU B 82 -16.17 -8.70 8.49
N LEU B 83 -14.90 -8.46 8.82
CA LEU B 83 -13.87 -9.44 8.50
C LEU B 83 -14.06 -10.74 9.29
N ALA B 84 -14.55 -10.65 10.52
CA ALA B 84 -14.81 -11.86 11.29
C ALA B 84 -15.98 -12.63 10.71
N GLU B 85 -17.07 -11.94 10.40
CA GLU B 85 -18.29 -12.62 9.96
C GLU B 85 -18.14 -13.18 8.56
N ARG B 86 -17.53 -12.42 7.65
CA ARG B 86 -17.46 -12.77 6.23
C ARG B 86 -16.20 -13.54 5.86
N LEU B 87 -15.05 -13.18 6.41
CA LEU B 87 -13.79 -13.84 6.06
C LEU B 87 -13.29 -14.77 7.16
N ARG B 88 -13.96 -14.82 8.31
CA ARG B 88 -13.60 -15.69 9.43
C ARG B 88 -12.24 -15.33 10.02
N ILE B 89 -11.88 -14.05 10.01
CA ILE B 89 -10.62 -13.59 10.57
C ILE B 89 -10.86 -13.02 11.97
N SER B 90 -10.08 -13.49 12.93
N SER B 90 -10.08 -13.49 12.93
CA SER B 90 -10.21 -13.01 14.30
CA SER B 90 -10.21 -13.01 14.30
C SER B 90 -9.83 -11.53 14.37
C SER B 90 -9.85 -11.52 14.37
N PRO B 91 -10.63 -10.72 15.09
CA PRO B 91 -10.30 -9.28 15.20
C PRO B 91 -8.91 -9.00 15.77
N ASP B 92 -8.38 -9.89 16.61
CA ASP B 92 -7.05 -9.68 17.15
C ASP B 92 -5.95 -10.04 16.16
N ARG B 93 -6.31 -10.40 14.93
CA ARG B 93 -5.34 -10.61 13.86
C ARG B 93 -5.62 -9.67 12.68
N VAL B 94 -6.16 -8.49 12.97
CA VAL B 94 -6.46 -7.45 11.99
C VAL B 94 -5.76 -6.17 12.42
N TYR B 95 -5.04 -5.54 11.48
CA TYR B 95 -4.66 -4.14 11.62
C TYR B 95 -5.39 -3.30 10.58
N ILE B 96 -5.81 -2.11 10.99
CA ILE B 96 -6.39 -1.12 10.07
C ILE B 96 -5.66 0.21 10.30
N ASN B 97 -4.93 0.67 9.31
CA ASN B 97 -4.32 2.00 9.40
C ASN B 97 -5.27 3.05 8.81
N TYR B 98 -5.45 4.15 9.53
CA TYR B 98 -6.35 5.23 9.15
C TYR B 98 -5.55 6.45 8.70
N TYR B 99 -5.99 7.05 7.60
CA TYR B 99 -5.32 8.21 7.00
C TYR B 99 -6.34 9.29 6.72
N ASP B 100 -6.14 10.44 7.36
CA ASP B 100 -6.94 11.63 7.11
C ASP B 100 -6.20 12.42 6.03
N MET B 101 -6.72 12.36 4.81
CA MET B 101 -6.05 12.96 3.66
C MET B 101 -6.48 14.41 3.46
N ASN B 102 -5.51 15.25 3.14
CA ASN B 102 -5.83 16.59 2.65
C ASN B 102 -6.37 16.52 1.23
N ALA B 103 -7.39 17.34 0.94
CA ALA B 103 -7.99 17.30 -0.39
C ALA B 103 -6.96 17.58 -1.48
N ALA B 104 -5.97 18.42 -1.16
CA ALA B 104 -4.94 18.75 -2.15
C ALA B 104 -4.06 17.56 -2.47
N ASN B 105 -4.09 16.51 -1.63
CA ASN B 105 -3.27 15.32 -1.81
C ASN B 105 -4.07 14.13 -2.32
N VAL B 106 -5.28 14.36 -2.82
CA VAL B 106 -6.08 13.29 -3.43
C VAL B 106 -6.45 13.69 -4.85
N GLY B 107 -5.87 12.99 -5.82
CA GLY B 107 -6.17 13.21 -7.22
C GLY B 107 -7.34 12.35 -7.69
N TRP B 108 -8.08 12.89 -8.66
CA TRP B 108 -9.24 12.23 -9.20
C TRP B 108 -9.64 12.99 -10.45
N ASN B 109 -9.92 12.27 -11.53
CA ASN B 109 -10.60 12.88 -12.68
C ASN B 109 -9.84 14.12 -13.19
N ASN B 110 -8.54 13.92 -13.42
CA ASN B 110 -7.63 14.90 -14.02
C ASN B 110 -7.25 16.06 -13.12
N SER B 111 -7.62 16.03 -11.84
CA SER B 111 -7.30 17.14 -10.95
C SER B 111 -7.16 16.59 -9.54
N THR B 112 -7.27 17.46 -8.53
CA THR B 112 -7.37 17.02 -7.15
C THR B 112 -8.64 17.64 -6.57
N PHE B 113 -9.00 17.20 -5.37
CA PHE B 113 -10.22 17.68 -4.75
C PHE B 113 -10.07 19.06 -4.10
N ALA B 114 -8.86 19.61 -4.00
CA ALA B 114 -8.68 20.89 -3.32
C ALA B 114 -9.48 21.99 -3.99
N PRO C 1 3.81 -3.32 14.69
CA PRO C 1 4.28 -2.72 13.45
C PRO C 1 3.90 -3.61 12.29
N MET C 2 4.00 -3.06 11.10
CA MET C 2 3.65 -3.77 9.88
C MET C 2 4.76 -3.51 8.88
N PHE C 3 5.25 -4.58 8.25
CA PHE C 3 6.28 -4.46 7.24
C PHE C 3 5.81 -5.15 5.98
N ILE C 4 5.84 -4.44 4.85
CA ILE C 4 5.37 -4.96 3.57
C ILE C 4 6.53 -4.87 2.58
N VAL C 5 6.78 -5.94 1.83
CA VAL C 5 7.76 -5.94 0.75
C VAL C 5 7.06 -6.34 -0.53
N ASN C 6 7.13 -5.48 -1.52
CA ASN C 6 6.68 -5.79 -2.87
C ASN C 6 7.89 -5.96 -3.75
N THR C 7 7.95 -7.05 -4.51
CA THR C 7 9.16 -7.34 -5.29
C THR C 7 8.79 -8.08 -6.56
N ASN C 8 9.64 -7.90 -7.58
CA ASN C 8 9.51 -8.65 -8.83
C ASN C 8 10.21 -10.00 -8.76
N VAL C 9 10.92 -10.29 -7.67
CA VAL C 9 11.54 -11.62 -7.52
C VAL C 9 10.42 -12.66 -7.53
N PRO C 10 10.59 -13.79 -8.21
CA PRO C 10 9.50 -14.78 -8.26
C PRO C 10 9.31 -15.50 -6.93
N ARG C 11 8.09 -16.03 -6.74
CA ARG C 11 7.74 -16.68 -5.48
C ARG C 11 8.69 -17.83 -5.15
N ALA C 12 9.10 -18.61 -6.15
CA ALA C 12 9.99 -19.75 -5.90
C ALA C 12 11.35 -19.32 -5.35
N SER C 13 11.71 -18.04 -5.51
N SER C 13 11.72 -18.06 -5.51
CA SER C 13 12.98 -17.50 -5.03
CA SER C 13 13.00 -17.59 -4.98
C SER C 13 12.88 -16.91 -3.63
C SER C 13 12.90 -17.03 -3.57
N VAL C 14 11.69 -16.86 -3.04
CA VAL C 14 11.52 -16.45 -1.64
C VAL C 14 11.77 -17.68 -0.76
N PRO C 15 12.81 -17.68 0.05
CA PRO C 15 13.17 -18.91 0.78
C PRO C 15 12.20 -19.23 1.89
N ASP C 16 12.18 -20.52 2.26
CA ASP C 16 11.39 -20.93 3.40
C ASP C 16 11.78 -20.14 4.63
N GLY C 17 10.79 -19.83 5.47
CA GLY C 17 11.03 -19.15 6.72
C GLY C 17 11.25 -17.67 6.62
N PHE C 18 11.07 -17.07 5.43
CA PHE C 18 11.36 -15.66 5.26
C PHE C 18 10.44 -14.77 6.10
N LEU C 19 9.14 -15.10 6.18
CA LEU C 19 8.24 -14.31 7.02
C LEU C 19 8.66 -14.39 8.49
N SER C 20 9.07 -15.57 8.96
N SER C 20 9.06 -15.57 8.96
CA SER C 20 9.52 -15.71 10.35
CA SER C 20 9.52 -15.72 10.34
C SER C 20 10.80 -14.92 10.60
C SER C 20 10.79 -14.92 10.59
N GLU C 21 11.75 -14.99 9.66
CA GLU C 21 12.99 -14.24 9.80
C GLU C 21 12.72 -12.75 9.88
N LEU C 22 11.84 -12.23 9.01
CA LEU C 22 11.47 -10.82 9.08
C LEU C 22 10.82 -10.48 10.42
N THR C 23 9.91 -11.34 10.89
CA THR C 23 9.24 -11.10 12.17
C THR C 23 10.23 -11.00 13.31
N GLN C 24 11.15 -11.97 13.40
CA GLN C 24 12.13 -12.00 14.47
C GLN C 24 13.08 -10.83 14.40
N GLN C 25 13.59 -10.52 13.20
CA GLN C 25 14.55 -9.44 13.07
C GLN C 25 13.91 -8.09 13.36
N LEU C 26 12.65 -7.90 12.94
CA LEU C 26 11.97 -6.64 13.19
C LEU C 26 11.62 -6.48 14.66
N ALA C 27 11.26 -7.57 15.34
CA ALA C 27 11.00 -7.47 16.78
C ALA C 27 12.23 -6.94 17.50
N GLN C 28 13.40 -7.48 17.15
CA GLN C 28 14.62 -7.04 17.83
C GLN C 28 14.99 -5.63 17.46
N ALA C 29 14.81 -5.27 16.18
CA ALA C 29 15.23 -3.95 15.72
C ALA C 29 14.33 -2.86 16.29
N THR C 30 13.01 -3.07 16.28
CA THR C 30 12.08 -2.06 16.73
C THR C 30 11.86 -2.10 18.23
N GLY C 31 12.21 -3.23 18.89
CA GLY C 31 11.90 -3.44 20.29
C GLY C 31 10.46 -3.81 20.58
N LYS C 32 9.60 -3.94 19.57
CA LYS C 32 8.20 -4.22 19.77
C LYS C 32 8.00 -5.70 20.02
N PRO C 33 6.91 -6.06 20.69
CA PRO C 33 6.63 -7.46 20.94
C PRO C 33 6.41 -8.21 19.64
N PRO C 34 6.98 -9.40 19.49
CA PRO C 34 6.77 -10.15 18.24
C PRO C 34 5.29 -10.38 17.95
N GLN C 35 4.45 -10.46 18.99
CA GLN C 35 3.02 -10.65 18.81
C GLN C 35 2.37 -9.51 18.01
N TYR C 36 2.97 -8.32 18.01
CA TYR C 36 2.38 -7.18 17.32
C TYR C 36 3.00 -6.95 15.96
N ILE C 37 3.93 -7.79 15.54
N ILE C 37 3.89 -7.80 15.51
CA ILE C 37 4.62 -7.60 14.27
CA ILE C 37 4.59 -7.59 14.25
C ILE C 37 3.87 -8.35 13.18
C ILE C 37 3.90 -8.36 13.15
N ALA C 38 3.48 -7.64 12.14
CA ALA C 38 2.85 -8.23 10.97
C ALA C 38 3.78 -8.04 9.78
N VAL C 39 3.89 -9.08 8.94
CA VAL C 39 4.77 -9.06 7.78
C VAL C 39 4.00 -9.56 6.56
N HIS C 40 4.31 -8.99 5.40
CA HIS C 40 3.57 -9.29 4.18
C HIS C 40 4.57 -9.21 3.03
N VAL C 41 4.74 -10.30 2.28
CA VAL C 41 5.68 -10.36 1.18
C VAL C 41 4.89 -10.64 -0.09
N VAL C 42 5.11 -9.81 -1.12
CA VAL C 42 4.37 -9.88 -2.37
C VAL C 42 5.33 -10.07 -3.52
N PRO C 43 5.54 -11.32 -3.97
CA PRO C 43 6.48 -11.58 -5.07
C PRO C 43 5.83 -11.44 -6.44
N ASP C 44 6.63 -11.66 -7.48
CA ASP C 44 6.12 -11.77 -8.86
C ASP C 44 5.48 -10.49 -9.36
N GLN C 45 5.89 -9.33 -8.85
CA GLN C 45 5.24 -8.08 -9.19
C GLN C 45 5.83 -7.49 -10.47
N LEU C 46 5.00 -6.72 -11.17
CA LEU C 46 5.37 -5.96 -12.36
C LEU C 46 5.89 -4.61 -11.89
N MET C 47 7.21 -4.46 -11.81
CA MET C 47 7.83 -3.31 -11.19
C MET C 47 9.10 -2.94 -11.92
N ALA C 48 9.47 -1.67 -11.81
CA ALA C 48 10.75 -1.19 -12.28
C ALA C 48 11.31 -0.21 -11.27
N PHE C 49 12.63 -0.14 -11.23
CA PHE C 49 13.37 0.77 -10.38
C PHE C 49 14.41 1.43 -11.27
N GLY C 50 14.37 2.76 -11.37
CA GLY C 50 15.27 3.44 -12.29
C GLY C 50 15.08 3.05 -13.73
N GLY C 51 13.85 2.65 -14.10
CA GLY C 51 13.51 2.29 -15.45
C GLY C 51 13.80 0.86 -15.80
N SER C 52 14.41 0.10 -14.89
CA SER C 52 14.91 -1.25 -15.16
C SER C 52 14.11 -2.27 -14.36
N SER C 53 13.87 -3.43 -14.95
N SER C 53 13.89 -3.43 -14.96
CA SER C 53 13.14 -4.48 -14.26
CA SER C 53 13.14 -4.52 -14.35
C SER C 53 14.04 -5.57 -13.70
C SER C 53 14.03 -5.56 -13.69
N GLU C 54 15.32 -5.26 -13.47
CA GLU C 54 16.18 -6.14 -12.68
C GLU C 54 15.59 -6.23 -11.27
N PRO C 55 15.96 -7.24 -10.48
CA PRO C 55 15.33 -7.40 -9.15
C PRO C 55 15.38 -6.11 -8.32
N CYS C 56 14.24 -5.80 -7.71
CA CYS C 56 14.08 -4.59 -6.90
C CYS C 56 12.98 -4.84 -5.87
N ALA C 57 12.87 -3.92 -4.90
CA ALA C 57 11.82 -4.04 -3.90
C ALA C 57 11.37 -2.66 -3.46
N LEU C 58 10.06 -2.54 -3.25
CA LEU C 58 9.45 -1.36 -2.66
C LEU C 58 8.76 -1.81 -1.38
N CYS C 59 9.11 -1.18 -0.27
CA CYS C 59 8.72 -1.68 1.05
C CYS C 59 8.17 -0.56 1.90
N SER C 60 7.47 -0.96 2.97
CA SER C 60 7.04 0.03 3.94
C SER C 60 7.08 -0.57 5.34
N LEU C 61 7.39 0.28 6.31
CA LEU C 61 7.34 -0.06 7.72
C LEU C 61 6.45 0.96 8.42
N HIS C 62 5.36 0.50 9.00
CA HIS C 62 4.48 1.35 9.80
C HIS C 62 4.63 0.93 11.25
N SER C 63 4.79 1.91 12.15
CA SER C 63 4.97 1.60 13.57
C SER C 63 4.42 2.75 14.40
N ILE C 64 3.85 2.42 15.56
CA ILE C 64 3.47 3.45 16.53
C ILE C 64 4.73 3.80 17.31
N GLY C 65 5.39 4.87 16.92
CA GLY C 65 6.68 5.18 17.48
C GLY C 65 7.79 4.30 16.93
N LYS C 66 8.98 4.49 17.51
CA LYS C 66 10.19 3.78 17.09
C LYS C 66 10.56 4.09 15.65
N ILE C 67 10.23 5.30 15.19
CA ILE C 67 10.56 5.78 13.85
C ILE C 67 11.31 7.09 14.05
N GLY C 68 12.43 7.24 13.34
CA GLY C 68 13.17 8.48 13.46
C GLY C 68 14.43 8.40 12.63
N GLY C 69 15.17 9.50 12.62
CA GLY C 69 16.36 9.62 11.79
C GLY C 69 17.33 8.45 11.94
N ALA C 70 17.83 8.25 13.16
CA ALA C 70 18.82 7.21 13.40
C ALA C 70 18.20 5.83 13.32
N GLN C 71 17.00 5.67 13.88
CA GLN C 71 16.37 4.35 13.87
C GLN C 71 16.13 3.90 12.44
N ASN C 72 15.68 4.82 11.58
CA ASN C 72 15.38 4.44 10.21
C ASN C 72 16.63 4.09 9.42
N ARG C 73 17.76 4.75 9.70
CA ARG C 73 19.01 4.31 9.10
C ARG C 73 19.34 2.88 9.49
N SER C 74 19.17 2.56 10.77
CA SER C 74 19.46 1.21 11.25
C SER C 74 18.51 0.19 10.63
N TYR C 75 17.20 0.51 10.57
CA TYR C 75 16.26 -0.41 9.93
C TYR C 75 16.64 -0.64 8.48
N SER C 76 17.07 0.41 7.79
CA SER C 76 17.37 0.27 6.36
C SER C 76 18.54 -0.66 6.14
N LYS C 77 19.57 -0.54 7.01
CA LYS C 77 20.72 -1.43 6.92
C LYS C 77 20.31 -2.88 7.17
N LEU C 78 19.48 -3.09 8.19
CA LEU C 78 19.02 -4.44 8.51
C LEU C 78 18.17 -5.02 7.37
N LEU C 79 17.21 -4.24 6.89
CA LEU C 79 16.25 -4.77 5.91
C LEU C 79 16.87 -4.91 4.53
N CYS C 80 17.67 -3.94 4.09
CA CYS C 80 18.40 -4.13 2.84
C CYS C 80 19.34 -5.34 2.92
N GLY C 81 19.97 -5.54 4.08
CA GLY C 81 20.82 -6.72 4.24
C GLY C 81 20.04 -8.00 4.05
N LEU C 82 18.85 -8.08 4.64
CA LEU C 82 18.04 -9.28 4.49
C LEU C 82 17.57 -9.45 3.05
N LEU C 83 17.13 -8.36 2.41
CA LEU C 83 16.68 -8.51 1.02
C LEU C 83 17.82 -8.92 0.11
N ALA C 84 19.04 -8.43 0.37
CA ALA C 84 20.20 -8.84 -0.41
C ALA C 84 20.56 -10.29 -0.14
N GLU C 85 20.63 -10.69 1.13
CA GLU C 85 21.07 -12.04 1.44
C GLU C 85 20.02 -13.09 1.05
N ARG C 86 18.74 -12.79 1.28
CA ARG C 86 17.70 -13.79 1.12
C ARG C 86 17.02 -13.75 -0.25
N LEU C 87 16.82 -12.56 -0.82
CA LEU C 87 16.15 -12.42 -2.11
C LEU C 87 17.11 -12.06 -3.24
N ARG C 88 18.39 -11.81 -2.93
CA ARG C 88 19.38 -11.46 -3.94
C ARG C 88 19.07 -10.12 -4.62
N ILE C 89 18.49 -9.18 -3.87
CA ILE C 89 18.18 -7.84 -4.38
C ILE C 89 19.27 -6.88 -3.93
N SER C 90 19.84 -6.11 -4.88
CA SER C 90 20.86 -5.13 -4.54
C SER C 90 20.26 -4.02 -3.68
N PRO C 91 20.94 -3.59 -2.61
CA PRO C 91 20.39 -2.54 -1.75
C PRO C 91 20.10 -1.23 -2.46
N ASP C 92 20.82 -0.92 -3.55
CA ASP C 92 20.54 0.32 -4.26
C ASP C 92 19.32 0.20 -5.17
N ARG C 93 18.61 -0.93 -5.12
CA ARG C 93 17.35 -1.12 -5.83
C ARG C 93 16.22 -1.42 -4.86
N VAL C 94 16.32 -0.90 -3.64
CA VAL C 94 15.29 -1.04 -2.62
C VAL C 94 14.90 0.34 -2.13
N TYR C 95 13.60 0.61 -2.06
CA TYR C 95 13.11 1.72 -1.26
C TYR C 95 12.29 1.18 -0.09
N ILE C 96 12.41 1.83 1.08
CA ILE C 96 11.59 1.53 2.26
C ILE C 96 11.00 2.83 2.76
N ASN C 97 9.69 2.97 2.70
CA ASN C 97 9.03 4.14 3.29
C ASN C 97 8.66 3.86 4.75
N TYR C 98 9.00 4.80 5.63
CA TYR C 98 8.76 4.69 7.07
C TYR C 98 7.62 5.60 7.50
N TYR C 99 6.74 5.07 8.35
CA TYR C 99 5.55 5.78 8.83
C TYR C 99 5.46 5.66 10.34
N ASP C 100 5.49 6.80 11.02
CA ASP C 100 5.28 6.87 12.46
C ASP C 100 3.80 7.12 12.65
N MET C 101 3.06 6.09 13.05
CA MET C 101 1.60 6.17 13.15
C MET C 101 1.17 6.68 14.52
N ASN C 102 0.17 7.56 14.53
CA ASN C 102 -0.49 7.91 15.79
C ASN C 102 -1.34 6.73 16.25
N ALA C 103 -1.34 6.47 17.56
CA ALA C 103 -2.07 5.33 18.12
C ALA C 103 -3.55 5.39 17.77
N ALA C 104 -4.12 6.61 17.70
CA ALA C 104 -5.52 6.79 17.37
C ALA C 104 -5.83 6.36 15.95
N ASN C 105 -4.80 6.22 15.10
CA ASN C 105 -4.96 5.89 13.68
C ASN C 105 -4.60 4.45 13.37
N VAL C 106 -4.49 3.60 14.38
CA VAL C 106 -4.24 2.17 14.16
C VAL C 106 -5.34 1.36 14.84
N GLY C 107 -6.17 0.71 14.02
CA GLY C 107 -7.16 -0.21 14.51
C GLY C 107 -6.64 -1.63 14.67
N TRP C 108 -7.17 -2.30 15.68
CA TRP C 108 -6.81 -3.67 16.02
C TRP C 108 -7.82 -4.16 17.05
N ASN C 109 -8.30 -5.38 16.88
CA ASN C 109 -9.11 -6.05 17.91
C ASN C 109 -10.33 -5.21 18.27
N ASN C 110 -11.06 -4.76 17.26
CA ASN C 110 -12.32 -4.02 17.42
C ASN C 110 -12.14 -2.62 17.99
N SER C 111 -10.92 -2.13 18.11
CA SER C 111 -10.73 -0.81 18.69
C SER C 111 -9.49 -0.19 18.05
N THR C 112 -8.95 0.85 18.69
CA THR C 112 -7.66 1.42 18.30
C THR C 112 -6.76 1.47 19.53
N PHE C 113 -5.50 1.83 19.29
CA PHE C 113 -4.51 1.86 20.36
C PHE C 113 -4.53 3.15 21.17
N ALA C 114 -5.33 4.13 20.79
CA ALA C 114 -5.42 5.41 21.51
C ALA C 114 -5.88 5.21 22.95
CL CL D . -20.21 -4.03 -11.40
CL CL E . 2.75 23.11 -5.62
CL CL F . 7.29 11.55 5.94
C1 7Y8 G . 13.08 19.16 1.70
C2 7Y8 G . 13.37 18.07 0.69
C11 7Y8 G . 15.18 17.21 -0.98
C12 7Y8 G . 15.25 17.23 -2.37
C13 7Y8 G . 15.75 16.14 -3.07
C14 7Y8 G . 16.17 15.00 -2.39
C15 7Y8 G . 16.09 15.00 -0.99
C17 7Y8 G . 15.60 16.09 -0.27
C8 7Y8 G . 14.60 18.38 -0.25
N4 7Y8 G . 12.19 17.99 -0.17
O10 7Y8 G . 15.00 19.51 -0.44
O16 7Y8 G . 16.48 13.90 -0.28
CL CL H . -13.49 11.54 15.94
CL CL I . -17.48 -9.08 -4.35
CL CL J . -2.48 14.31 3.29
C1 J23 K . -11.59 19.70 5.60
C2 J23 K . -12.15 18.52 4.83
C11 J23 K . -13.81 18.19 2.78
C12 J23 K . -14.99 17.45 2.86
C13 J23 K . -15.42 16.67 1.79
C14 J23 K . -14.68 16.62 0.61
C15 J23 K . -13.52 17.38 0.54
C17 J23 K . -13.05 18.18 1.60
C8 J23 K . -13.42 18.94 4.04
N4 J23 K . -11.11 18.03 3.99
O10 J23 K . -14.13 19.76 4.56
O16 J23 K . -12.79 17.29 -0.61
CL CL L . -0.86 8.85 11.93
CL CL M . 3.07 -0.59 16.16
CL CL N . 22.95 7.08 12.66
#